data_4ZEW
#
_entry.id   4ZEW
#
_cell.length_a   77.700
_cell.length_b   44.500
_cell.length_c   84.800
_cell.angle_alpha   90.00
_cell.angle_beta   101.40
_cell.angle_gamma   90.00
#
_symmetry.space_group_name_H-M   'P 1 21 1'
#
loop_
_entity.id
_entity.type
_entity.pdbx_description
1 polymer PfHAD1
2 non-polymer 'MAGNESIUM ION'
3 non-polymer 6-O-phosphono-alpha-D-glucopyranose
4 non-polymer 'PHOSPHATE ION'
5 water water
#
_entity_poly.entity_id   1
_entity_poly.type   'polypeptide(L)'
_entity_poly.pdbx_seq_one_letter_code
;MAHHHHHHMHEIVDKNGKKVQKNNLNDEIKIIFTALDGTLLNSENKVSEQNLESLIRAQEKGIKVVIATGRSIFSVENVI
GEHVKKNRISLLPGIYMNGCVTFDEKGSRVIDRIMNNDLKMEIHEFSKQINISKYAIWFCLEKTYCFEINDCIREYMEVE
ALNPDVIEDNMLEGLTVYKVLFSLPENILENTLKLCREKFSHRINVANTFQSYVELFHQHTNKFEGVKEICKYYNISLNN
ALAMGDGENDIEMLSGLTHSVGVHNASEKVKNSAAYVGPSNNEHAISHVLKTFCDI
;
_entity_poly.pdbx_strand_id   A,B
#
loop_
_chem_comp.id
_chem_comp.type
_chem_comp.name
_chem_comp.formula
G6P D-saccharide, alpha linking 6-O-phosphono-alpha-D-glucopyranose 'C6 H13 O9 P'
MG non-polymer 'MAGNESIUM ION' 'Mg 2'
PO4 non-polymer 'PHOSPHATE ION' 'O4 P -3'
#
# COMPACT_ATOMS: atom_id res chain seq x y z
N HIS A 7 12.94 -22.92 9.42
CA HIS A 7 11.46 -22.96 9.59
C HIS A 7 10.73 -23.24 8.27
N HIS A 8 9.48 -23.63 8.38
CA HIS A 8 8.61 -23.99 7.26
C HIS A 8 7.71 -22.84 6.82
N MET A 9 7.89 -21.69 7.47
CA MET A 9 6.97 -20.57 7.36
C MET A 9 6.78 -20.02 5.95
N HIS A 10 7.87 -19.91 5.23
CA HIS A 10 7.88 -19.35 3.89
C HIS A 10 7.97 -20.30 2.67
N GLU A 11 7.98 -21.61 2.89
CA GLU A 11 8.16 -22.58 1.80
C GLU A 11 6.89 -22.91 1.00
N ILE A 12 7.10 -23.34 -0.25
CA ILE A 12 6.05 -23.90 -1.12
C ILE A 12 6.43 -25.34 -1.47
N VAL A 13 5.51 -26.28 -1.21
CA VAL A 13 5.84 -27.72 -1.35
C VAL A 13 4.78 -28.47 -2.15
N ASP A 14 5.20 -29.57 -2.77
CA ASP A 14 4.26 -30.38 -3.55
C ASP A 14 3.53 -31.36 -2.63
N LYS A 15 2.71 -32.22 -3.22
CA LYS A 15 1.86 -33.14 -2.46
C LYS A 15 2.67 -34.17 -1.68
N ASN A 16 3.93 -34.35 -2.06
CA ASN A 16 4.82 -35.24 -1.34
C ASN A 16 5.59 -34.51 -0.24
N GLY A 17 5.40 -33.20 -0.16
CA GLY A 17 6.03 -32.37 0.84
C GLY A 17 7.40 -31.83 0.43
N LYS A 18 7.75 -31.97 -0.84
CA LYS A 18 9.05 -31.52 -1.35
C LYS A 18 8.95 -30.10 -1.87
N LYS A 19 9.96 -29.28 -1.61
CA LYS A 19 9.93 -27.90 -2.04
C LYS A 19 9.93 -27.82 -3.56
N VAL A 20 9.15 -26.90 -4.08
CA VAL A 20 9.12 -26.68 -5.52
C VAL A 20 10.35 -25.86 -5.92
N GLN A 21 11.13 -26.37 -6.87
CA GLN A 21 12.33 -25.70 -7.37
C GLN A 21 12.12 -25.14 -8.77
N LYS A 22 12.48 -23.87 -8.96
CA LYS A 22 12.31 -23.20 -10.26
C LYS A 22 12.94 -23.98 -11.42
N ASN A 23 14.11 -24.55 -11.21
CA ASN A 23 14.80 -25.25 -12.30
C ASN A 23 14.11 -26.56 -12.72
N ASN A 24 13.17 -27.05 -11.90
CA ASN A 24 12.37 -28.22 -12.29
C ASN A 24 11.04 -27.84 -12.92
N LEU A 25 10.75 -26.54 -12.96
CA LEU A 25 9.55 -26.02 -13.63
C LEU A 25 9.79 -25.83 -15.12
N ASN A 26 8.91 -26.40 -15.93
CA ASN A 26 8.92 -26.23 -17.39
C ASN A 26 7.92 -25.21 -17.95
N ASP A 27 7.17 -24.54 -17.08
CA ASP A 27 6.22 -23.53 -17.52
C ASP A 27 6.59 -22.16 -16.95
N GLU A 28 6.70 -21.17 -17.82
CA GLU A 28 6.79 -19.81 -17.36
C GLU A 28 5.43 -19.44 -16.78
N ILE A 29 5.41 -18.82 -15.61
CA ILE A 29 4.16 -18.28 -15.08
C ILE A 29 4.04 -16.82 -15.50
N LYS A 30 3.09 -16.57 -16.40
CA LYS A 30 2.84 -15.23 -16.89
C LYS A 30 1.80 -14.44 -16.13
N ILE A 31 0.99 -15.15 -15.36
CA ILE A 31 -0.17 -14.52 -14.76
C ILE A 31 -0.52 -15.26 -13.48
N ILE A 32 -0.89 -14.50 -12.45
CA ILE A 32 -1.29 -15.05 -11.18
C ILE A 32 -2.68 -14.56 -10.84
N PHE A 33 -3.55 -15.51 -10.50
CA PHE A 33 -4.90 -15.24 -10.06
C PHE A 33 -4.92 -15.49 -8.57
N THR A 34 -5.33 -14.51 -7.78
CA THR A 34 -5.34 -14.67 -6.32
C THR A 34 -6.63 -14.23 -5.69
N ALA A 35 -7.09 -15.03 -4.73
CA ALA A 35 -8.17 -14.63 -3.81
C ALA A 35 -7.69 -13.45 -2.98
N LEU A 36 -8.61 -12.66 -2.45
CA LEU A 36 -8.19 -11.48 -1.71
C LEU A 36 -8.11 -11.74 -0.21
N ASP A 37 -9.25 -11.77 0.46
CA ASP A 37 -9.29 -12.10 1.89
C ASP A 37 -8.77 -13.50 2.07
N GLY A 38 -7.97 -13.73 3.09
CA GLY A 38 -7.53 -15.09 3.40
C GLY A 38 -6.37 -15.61 2.57
N THR A 39 -5.98 -14.87 1.54
CA THR A 39 -4.89 -15.29 0.64
C THR A 39 -3.88 -14.17 0.44
N LEU A 40 -4.27 -13.12 -0.27
CA LEU A 40 -3.36 -11.99 -0.49
C LEU A 40 -3.29 -11.11 0.75
N LEU A 41 -4.46 -10.88 1.34
CA LEU A 41 -4.54 -10.01 2.50
C LEU A 41 -4.28 -10.82 3.73
N ASN A 42 -3.59 -10.23 4.67
CA ASN A 42 -3.37 -10.89 5.95
C ASN A 42 -4.64 -10.81 6.79
N SER A 43 -4.56 -11.30 8.01
CA SER A 43 -5.73 -11.35 8.89
C SER A 43 -6.27 -9.97 9.30
N GLU A 44 -5.47 -8.92 9.09
CA GLU A 44 -5.92 -7.54 9.29
C GLU A 44 -6.50 -6.92 8.01
N ASN A 45 -6.61 -7.74 6.97
CA ASN A 45 -7.08 -7.35 5.64
C ASN A 45 -6.19 -6.27 4.99
N LYS A 46 -4.89 -6.44 5.17
CA LYS A 46 -3.90 -5.57 4.60
C LYS A 46 -2.97 -6.38 3.73
N VAL A 47 -2.36 -5.71 2.76
CA VAL A 47 -1.29 -6.26 1.97
C VAL A 47 -0.01 -5.99 2.75
N SER A 48 0.70 -7.06 3.14
CA SER A 48 1.92 -6.91 3.91
C SER A 48 2.94 -6.18 3.06
N GLU A 49 3.91 -5.53 3.70
CA GLU A 49 4.98 -4.87 2.96
C GLU A 49 5.79 -5.84 2.09
N GLN A 50 6.08 -7.04 2.61
CA GLN A 50 6.83 -8.01 1.81
C GLN A 50 6.04 -8.36 0.55
N ASN A 51 4.74 -8.61 0.67
CA ASN A 51 3.92 -8.84 -0.53
C ASN A 51 3.94 -7.64 -1.45
N LEU A 52 3.75 -6.45 -0.91
CA LEU A 52 3.74 -5.23 -1.73
C LEU A 52 5.05 -5.06 -2.51
N GLU A 53 6.18 -5.22 -1.83
CA GLU A 53 7.47 -5.13 -2.50
C GLU A 53 7.58 -6.11 -3.67
N SER A 54 7.07 -7.32 -3.50
CA SER A 54 7.13 -8.34 -4.56
C SER A 54 6.14 -8.03 -5.69
N LEU A 55 4.98 -7.48 -5.36
CA LEU A 55 4.05 -7.03 -6.38
C LEU A 55 4.62 -5.90 -7.26
N ILE A 56 5.43 -5.04 -6.66
CA ILE A 56 6.07 -3.99 -7.42
C ILE A 56 7.06 -4.61 -8.42
N ARG A 57 7.80 -5.63 -7.98
CA ARG A 57 8.75 -6.32 -8.85
CA ARG A 57 8.76 -6.32 -8.85
C ARG A 57 8.05 -7.11 -9.95
N ALA A 58 6.90 -7.68 -9.62
CA ALA A 58 6.14 -8.42 -10.62
C ALA A 58 5.66 -7.48 -11.72
N GLN A 59 5.21 -6.29 -11.35
CA GLN A 59 4.86 -5.28 -12.33
C GLN A 59 6.05 -4.87 -13.21
N GLU A 60 7.22 -4.65 -12.61
CA GLU A 60 8.43 -4.34 -13.38
C GLU A 60 8.73 -5.44 -14.41
N LYS A 61 8.43 -6.70 -14.08
CA LYS A 61 8.74 -7.83 -14.95
C LYS A 61 7.59 -8.20 -15.91
N GLY A 62 6.45 -7.53 -15.78
CA GLY A 62 5.34 -7.74 -16.69
C GLY A 62 4.48 -8.94 -16.34
N ILE A 63 4.61 -9.44 -15.11
CA ILE A 63 3.76 -10.53 -14.63
C ILE A 63 2.41 -9.90 -14.29
N LYS A 64 1.31 -10.48 -14.75
CA LYS A 64 0.00 -9.94 -14.41
C LYS A 64 -0.52 -10.56 -13.13
N VAL A 65 -1.10 -9.74 -12.26
CA VAL A 65 -1.68 -10.23 -11.03
C VAL A 65 -3.14 -9.81 -11.05
N VAL A 66 -4.01 -10.79 -10.96
CA VAL A 66 -5.43 -10.60 -11.15
C VAL A 66 -6.18 -11.05 -9.91
N ILE A 67 -7.00 -10.16 -9.37
CA ILE A 67 -7.85 -10.50 -8.25
C ILE A 67 -8.99 -11.42 -8.70
N ALA A 68 -9.22 -12.48 -7.94
CA ALA A 68 -10.36 -13.37 -8.15
C ALA A 68 -11.07 -13.55 -6.83
N THR A 69 -12.27 -13.01 -6.73
CA THR A 69 -12.90 -12.82 -5.45
C THR A 69 -14.41 -12.97 -5.53
N GLY A 70 -15.01 -13.28 -4.38
CA GLY A 70 -16.45 -13.26 -4.23
C GLY A 70 -16.96 -11.83 -4.14
N ARG A 71 -16.07 -10.90 -3.81
CA ARG A 71 -16.43 -9.49 -3.66
C ARG A 71 -16.84 -8.83 -4.98
N SER A 72 -17.57 -7.73 -4.87
CA SER A 72 -17.70 -6.79 -5.97
C SER A 72 -16.43 -5.96 -6.07
N ILE A 73 -16.19 -5.40 -7.25
CA ILE A 73 -15.05 -4.54 -7.48
C ILE A 73 -15.11 -3.33 -6.56
N PHE A 74 -16.32 -2.89 -6.26
CA PHE A 74 -16.50 -1.75 -5.36
C PHE A 74 -15.96 -1.98 -3.96
N SER A 75 -16.17 -3.15 -3.39
CA SER A 75 -15.69 -3.37 -2.03
C SER A 75 -14.19 -3.64 -2.09
N VAL A 76 -13.73 -4.29 -3.16
CA VAL A 76 -12.30 -4.50 -3.33
C VAL A 76 -11.59 -3.14 -3.33
N GLU A 77 -12.15 -2.17 -4.06
CA GLU A 77 -11.54 -0.84 -4.11
C GLU A 77 -11.52 -0.17 -2.75
N ASN A 78 -12.53 -0.42 -1.94
CA ASN A 78 -12.56 0.14 -0.60
C ASN A 78 -11.54 -0.50 0.35
N VAL A 79 -11.17 -1.76 0.13
CA VAL A 79 -10.18 -2.41 0.97
C VAL A 79 -8.72 -2.13 0.59
N ILE A 80 -8.41 -2.28 -0.69
CA ILE A 80 -7.07 -2.07 -1.24
C ILE A 80 -6.85 -0.77 -2.03
N GLY A 81 -7.80 0.17 -1.94
CA GLY A 81 -7.77 1.38 -2.75
C GLY A 81 -6.44 2.11 -2.83
N GLU A 82 -5.67 2.14 -1.75
CA GLU A 82 -4.41 2.88 -1.76
C GLU A 82 -3.41 2.28 -2.75
N HIS A 83 -3.47 0.96 -2.92
CA HIS A 83 -2.62 0.27 -3.87
C HIS A 83 -3.12 0.42 -5.29
N VAL A 84 -4.45 0.43 -5.45
CA VAL A 84 -5.04 0.66 -6.76
C VAL A 84 -4.67 2.07 -7.25
N LYS A 85 -4.77 3.05 -6.38
CA LYS A 85 -4.53 4.44 -6.78
C LYS A 85 -3.09 4.63 -7.26
N LYS A 86 -2.17 3.85 -6.70
CA LYS A 86 -0.77 3.89 -7.09
C LYS A 86 -0.48 2.93 -8.24
N ASN A 87 -1.52 2.29 -8.75
CA ASN A 87 -1.42 1.39 -9.88
C ASN A 87 -0.50 0.23 -9.56
N ARG A 88 -0.40 -0.11 -8.28
CA ARG A 88 0.34 -1.28 -7.83
C ARG A 88 -0.45 -2.58 -7.90
N ILE A 89 -1.77 -2.47 -7.77
CA ILE A 89 -2.66 -3.60 -8.02
C ILE A 89 -3.74 -3.13 -8.99
N SER A 90 -3.95 -3.88 -10.06
CA SER A 90 -4.96 -3.50 -11.04
C SER A 90 -6.23 -4.26 -10.79
N LEU A 91 -7.36 -3.57 -10.82
CA LEU A 91 -8.64 -4.22 -10.66
C LEU A 91 -9.25 -4.67 -11.97
N LEU A 92 -8.74 -4.11 -13.06
CA LEU A 92 -9.16 -4.47 -14.42
C LEU A 92 -7.98 -5.00 -15.19
N PRO A 93 -8.04 -6.26 -15.66
CA PRO A 93 -9.11 -7.24 -15.57
C PRO A 93 -9.21 -7.77 -14.16
N GLY A 94 -10.34 -8.37 -13.82
CA GLY A 94 -10.54 -8.94 -12.51
C GLY A 94 -11.79 -9.79 -12.51
N ILE A 95 -11.81 -10.72 -11.58
CA ILE A 95 -12.83 -11.73 -11.43
C ILE A 95 -13.57 -11.46 -10.12
N TYR A 96 -14.82 -11.03 -10.23
CA TYR A 96 -15.64 -10.61 -9.09
C TYR A 96 -16.89 -11.45 -8.97
N MET A 97 -17.50 -11.40 -7.78
CA MET A 97 -18.68 -12.21 -7.48
C MET A 97 -18.51 -13.65 -7.92
N ASN A 98 -17.33 -14.20 -7.61
CA ASN A 98 -17.04 -15.60 -7.83
C ASN A 98 -17.12 -15.98 -9.29
N GLY A 99 -16.83 -14.99 -10.12
CA GLY A 99 -16.80 -15.16 -11.55
C GLY A 99 -18.03 -14.59 -12.25
N CYS A 100 -19.10 -14.34 -11.51
CA CYS A 100 -20.36 -13.97 -12.15
C CYS A 100 -20.26 -12.59 -12.73
N VAL A 101 -19.30 -11.82 -12.23
CA VAL A 101 -18.93 -10.59 -12.89
C VAL A 101 -17.43 -10.59 -13.10
N THR A 102 -17.05 -10.77 -14.35
CA THR A 102 -15.64 -10.83 -14.71
C THR A 102 -15.41 -9.76 -15.76
N PHE A 103 -14.46 -8.88 -15.48
CA PHE A 103 -14.13 -7.76 -16.34
C PHE A 103 -12.86 -8.00 -17.09
N ASP A 104 -12.83 -7.56 -18.33
CA ASP A 104 -11.56 -7.41 -19.04
C ASP A 104 -10.92 -6.07 -18.67
N GLU A 105 -9.80 -5.74 -19.31
CA GLU A 105 -9.06 -4.55 -18.92
C GLU A 105 -9.80 -3.25 -19.28
N LYS A 106 -10.81 -3.34 -20.12
CA LYS A 106 -11.62 -2.17 -20.47
C LYS A 106 -12.86 -2.04 -19.59
N GLY A 107 -13.04 -2.95 -18.63
CA GLY A 107 -14.17 -2.85 -17.72
C GLY A 107 -15.42 -3.44 -18.33
N SER A 108 -15.24 -4.15 -19.43
CA SER A 108 -16.35 -4.83 -20.08
C SER A 108 -16.52 -6.19 -19.42
N ARG A 109 -17.77 -6.60 -19.23
CA ARG A 109 -17.99 -7.87 -18.55
C ARG A 109 -17.89 -9.00 -19.57
N VAL A 110 -16.87 -9.83 -19.42
CA VAL A 110 -16.66 -10.97 -20.29
C VAL A 110 -17.42 -12.15 -19.71
N ILE A 111 -17.82 -12.01 -18.46
CA ILE A 111 -18.79 -12.90 -17.85
C ILE A 111 -19.78 -12.05 -17.10
N ASP A 112 -21.06 -12.22 -17.42
CA ASP A 112 -22.12 -11.58 -16.67
C ASP A 112 -23.17 -12.64 -16.39
N ARG A 113 -23.22 -13.17 -15.17
CA ARG A 113 -24.21 -14.22 -14.89
C ARG A 113 -25.18 -13.78 -13.83
N ILE A 114 -26.35 -13.34 -14.26
CA ILE A 114 -27.36 -12.86 -13.35
C ILE A 114 -28.10 -14.06 -12.86
N MET A 115 -28.66 -13.96 -11.66
CA MET A 115 -29.48 -15.02 -11.12
C MET A 115 -30.90 -14.93 -11.71
N ASN A 116 -31.43 -16.07 -12.18
CA ASN A 116 -32.79 -16.13 -12.64
C ASN A 116 -33.73 -15.60 -11.56
N ASN A 117 -34.72 -14.80 -11.97
CA ASN A 117 -35.54 -14.09 -11.00
C ASN A 117 -36.46 -14.99 -10.20
N ASP A 118 -36.98 -16.05 -10.83
CA ASP A 118 -37.75 -17.05 -10.09
C ASP A 118 -36.88 -17.71 -9.02
N LEU A 119 -35.67 -18.06 -9.39
CA LEU A 119 -34.78 -18.74 -8.46
C LEU A 119 -34.41 -17.77 -7.30
N LYS A 120 -34.24 -16.51 -7.64
CA LYS A 120 -33.98 -15.46 -6.65
C LYS A 120 -35.08 -15.45 -5.58
N MET A 121 -36.33 -15.43 -6.03
CA MET A 121 -37.45 -15.31 -5.11
C MET A 121 -37.65 -16.60 -4.33
N GLU A 122 -37.31 -17.72 -4.95
CA GLU A 122 -37.37 -19.00 -4.27
C GLU A 122 -36.34 -19.09 -3.15
N ILE A 123 -35.12 -18.64 -3.43
CA ILE A 123 -34.09 -18.54 -2.39
C ILE A 123 -34.54 -17.57 -1.31
N HIS A 124 -35.08 -16.43 -1.72
CA HIS A 124 -35.59 -15.45 -0.76
C HIS A 124 -36.63 -16.05 0.17
N GLU A 125 -37.63 -16.71 -0.40
CA GLU A 125 -38.71 -17.30 0.38
C GLU A 125 -38.18 -18.37 1.32
N PHE A 126 -37.29 -19.21 0.81
CA PHE A 126 -36.68 -20.25 1.63
C PHE A 126 -35.90 -19.64 2.79
N SER A 127 -35.13 -18.60 2.51
CA SER A 127 -34.36 -17.95 3.56
C SER A 127 -35.26 -17.35 4.65
N LYS A 128 -36.42 -16.83 4.28
CA LYS A 128 -37.38 -16.38 5.27
C LYS A 128 -37.94 -17.57 6.05
N GLN A 129 -38.20 -18.66 5.34
CA GLN A 129 -38.77 -19.83 5.98
C GLN A 129 -37.83 -20.45 7.02
N ILE A 130 -36.53 -20.43 6.76
CA ILE A 130 -35.57 -20.94 7.74
C ILE A 130 -34.96 -19.81 8.58
N ASN A 131 -35.47 -18.60 8.36
CA ASN A 131 -35.14 -17.42 9.16
C ASN A 131 -33.67 -17.00 9.08
N ILE A 132 -33.05 -17.21 7.91
CA ILE A 132 -31.75 -16.58 7.63
C ILE A 132 -31.85 -15.33 6.72
N SER A 133 -33.07 -14.96 6.34
CA SER A 133 -33.27 -13.77 5.53
C SER A 133 -32.66 -12.52 6.18
N LYS A 134 -32.76 -12.44 7.50
CA LYS A 134 -32.19 -11.34 8.28
C LYS A 134 -30.66 -11.27 8.20
N TYR A 135 -30.03 -12.36 7.76
CA TYR A 135 -28.59 -12.41 7.54
C TYR A 135 -28.15 -12.23 6.08
N ALA A 136 -29.11 -12.01 5.18
CA ALA A 136 -28.85 -11.88 3.75
C ALA A 136 -28.31 -10.52 3.30
N ILE A 137 -27.27 -10.56 2.47
CA ILE A 137 -26.85 -9.44 1.66
C ILE A 137 -27.01 -9.83 0.19
N TRP A 138 -27.93 -9.16 -0.50
CA TRP A 138 -28.17 -9.40 -1.92
C TRP A 138 -27.32 -8.48 -2.78
N PHE A 139 -26.70 -9.04 -3.82
CA PHE A 139 -25.75 -8.31 -4.68
C PHE A 139 -26.32 -7.98 -6.03
N CYS A 140 -26.52 -6.69 -6.28
CA CYS A 140 -26.77 -6.21 -7.62
C CYS A 140 -25.44 -5.87 -8.25
N LEU A 141 -25.47 -5.42 -9.48
CA LEU A 141 -24.23 -5.14 -10.18
C LEU A 141 -23.46 -4.07 -9.42
N GLU A 142 -24.13 -2.94 -9.14
CA GLU A 142 -23.48 -1.77 -8.53
C GLU A 142 -23.71 -1.54 -7.01
N LYS A 143 -24.59 -2.31 -6.39
CA LYS A 143 -25.01 -2.05 -4.99
C LYS A 143 -25.33 -3.35 -4.27
N THR A 144 -25.34 -3.30 -2.94
CA THR A 144 -25.73 -4.45 -2.13
C THR A 144 -26.87 -4.03 -1.22
N TYR A 145 -27.71 -5.00 -0.86
CA TYR A 145 -28.90 -4.75 -0.07
C TYR A 145 -29.09 -5.75 1.07
N CYS A 146 -29.69 -5.30 2.17
CA CYS A 146 -30.02 -6.19 3.27
C CYS A 146 -31.38 -5.76 3.82
N PHE A 147 -32.01 -6.62 4.62
CA PHE A 147 -33.32 -6.28 5.17
C PHE A 147 -33.34 -5.79 6.59
N GLU A 148 -32.19 -5.86 7.26
CA GLU A 148 -32.05 -5.34 8.60
C GLU A 148 -30.59 -5.34 8.99
N ILE A 149 -30.32 -4.82 10.19
CA ILE A 149 -28.97 -4.73 10.69
C ILE A 149 -28.95 -5.43 12.04
N ASN A 150 -28.08 -6.42 12.16
CA ASN A 150 -27.87 -7.13 13.41
C ASN A 150 -26.36 -7.35 13.54
N ASP A 151 -25.94 -7.97 14.63
CA ASP A 151 -24.50 -8.14 14.86
C ASP A 151 -23.84 -8.90 13.70
N CYS A 152 -24.55 -9.80 13.03
CA CYS A 152 -23.94 -10.52 11.91
C CYS A 152 -23.80 -9.64 10.66
N ILE A 153 -24.81 -8.83 10.37
CA ILE A 153 -24.70 -7.85 9.30
C ILE A 153 -23.59 -6.83 9.62
N ARG A 154 -23.51 -6.44 10.89
CA ARG A 154 -22.45 -5.53 11.35
C ARG A 154 -21.08 -6.11 11.10
N GLU A 155 -20.91 -7.38 11.47
CA GLU A 155 -19.62 -8.04 11.28
C GLU A 155 -19.28 -8.09 9.78
N TYR A 156 -20.30 -8.35 8.96
CA TYR A 156 -20.10 -8.37 7.50
C TYR A 156 -19.62 -7.01 6.99
N MET A 157 -20.30 -5.96 7.44
CA MET A 157 -20.00 -4.59 6.99
C MET A 157 -18.58 -4.16 7.35
N GLU A 158 -18.15 -4.56 8.55
CA GLU A 158 -16.85 -4.16 9.05
C GLU A 158 -15.73 -4.79 8.22
N VAL A 159 -15.89 -6.06 7.87
CA VAL A 159 -14.89 -6.72 7.05
C VAL A 159 -15.02 -6.32 5.56
N GLU A 160 -16.24 -6.33 5.06
CA GLU A 160 -16.49 -6.06 3.66
C GLU A 160 -16.06 -4.64 3.30
N ALA A 161 -16.24 -3.72 4.27
CA ALA A 161 -15.90 -2.31 4.12
C ALA A 161 -16.75 -1.61 3.06
N LEU A 162 -17.91 -2.18 2.77
CA LEU A 162 -18.92 -1.49 1.97
C LEU A 162 -20.29 -1.82 2.54
N ASN A 163 -21.07 -0.80 2.87
CA ASN A 163 -22.33 -1.02 3.60
C ASN A 163 -23.51 -1.23 2.66
N PRO A 164 -24.27 -2.31 2.89
CA PRO A 164 -25.45 -2.50 2.04
C PRO A 164 -26.53 -1.50 2.44
N ASP A 165 -27.40 -1.16 1.51
CA ASP A 165 -28.57 -0.37 1.81
C ASP A 165 -29.63 -1.27 2.44
N VAL A 166 -30.29 -0.75 3.46
CA VAL A 166 -31.41 -1.45 4.07
C VAL A 166 -32.67 -1.17 3.27
N ILE A 167 -33.32 -2.23 2.81
CA ILE A 167 -34.55 -2.12 2.02
C ILE A 167 -35.61 -3.04 2.60
N GLU A 168 -36.86 -2.80 2.20
CA GLU A 168 -37.97 -3.65 2.59
C GLU A 168 -37.98 -4.93 1.76
N ASP A 169 -38.56 -5.98 2.33
CA ASP A 169 -38.66 -7.31 1.73
C ASP A 169 -39.13 -7.29 0.29
N ASN A 170 -40.22 -6.57 0.05
CA ASN A 170 -40.92 -6.58 -1.25
C ASN A 170 -40.16 -5.85 -2.35
N MET A 171 -39.05 -5.20 -2.01
CA MET A 171 -38.20 -4.56 -3.01
C MET A 171 -37.31 -5.57 -3.76
N LEU A 172 -37.16 -6.78 -3.23
CA LEU A 172 -36.22 -7.71 -3.84
C LEU A 172 -36.69 -8.10 -5.24
N GLU A 173 -38.00 -8.20 -5.44
CA GLU A 173 -38.53 -8.66 -6.72
C GLU A 173 -38.07 -7.74 -7.88
N GLY A 174 -37.89 -6.46 -7.60
CA GLY A 174 -37.49 -5.52 -8.63
C GLY A 174 -36.00 -5.46 -8.90
N LEU A 175 -35.21 -6.20 -8.12
CA LEU A 175 -33.76 -6.14 -8.24
C LEU A 175 -33.23 -7.23 -9.18
N THR A 176 -32.23 -6.85 -9.96
CA THR A 176 -31.47 -7.80 -10.75
C THR A 176 -30.19 -8.16 -9.98
N VAL A 177 -30.09 -9.41 -9.58
CA VAL A 177 -29.04 -9.83 -8.65
C VAL A 177 -28.14 -10.89 -9.26
N TYR A 178 -26.96 -11.02 -8.67
CA TYR A 178 -25.90 -11.95 -9.07
C TYR A 178 -25.72 -12.99 -7.99
N LYS A 179 -25.52 -12.54 -6.76
CA LYS A 179 -25.45 -13.46 -5.64
C LYS A 179 -26.19 -13.00 -4.38
N VAL A 180 -26.31 -13.94 -3.46
CA VAL A 180 -26.66 -13.61 -2.10
C VAL A 180 -25.60 -14.20 -1.18
N LEU A 181 -25.22 -13.40 -0.19
CA LEU A 181 -24.31 -13.78 0.87
C LEU A 181 -25.05 -13.73 2.20
N PHE A 182 -25.04 -14.85 2.92
CA PHE A 182 -25.60 -14.89 4.26
C PHE A 182 -24.45 -14.76 5.25
N SER A 183 -24.50 -13.73 6.10
CA SER A 183 -23.54 -13.67 7.18
C SER A 183 -24.22 -14.31 8.39
N LEU A 184 -23.84 -15.55 8.66
CA LEU A 184 -24.52 -16.39 9.64
C LEU A 184 -23.87 -16.36 11.01
N PRO A 185 -24.66 -16.58 12.07
CA PRO A 185 -24.12 -16.96 13.38
C PRO A 185 -23.37 -18.26 13.27
N GLU A 186 -22.24 -18.41 13.97
CA GLU A 186 -21.47 -19.64 13.92
C GLU A 186 -22.34 -20.84 14.27
N ASN A 187 -23.17 -20.70 15.30
CA ASN A 187 -23.95 -21.83 15.81
C ASN A 187 -24.89 -22.46 14.78
N ILE A 188 -25.39 -21.69 13.81
CA ILE A 188 -26.23 -22.28 12.74
C ILE A 188 -25.54 -22.53 11.40
N LEU A 189 -24.24 -22.25 11.28
CA LEU A 189 -23.58 -22.42 9.98
C LEU A 189 -23.73 -23.82 9.38
N GLU A 190 -23.33 -24.84 10.13
CA GLU A 190 -23.24 -26.17 9.55
C GLU A 190 -24.61 -26.66 9.10
N ASN A 191 -25.62 -26.41 9.93
CA ASN A 191 -26.98 -26.87 9.63
C ASN A 191 -27.58 -26.10 8.45
N THR A 192 -27.31 -24.79 8.37
CA THR A 192 -27.84 -23.97 7.28
C THR A 192 -27.22 -24.35 5.94
N LEU A 193 -25.92 -24.58 5.94
CA LEU A 193 -25.21 -25.10 4.76
C LEU A 193 -25.84 -26.41 4.22
N LYS A 194 -26.20 -27.32 5.13
CA LYS A 194 -26.85 -28.57 4.72
C LYS A 194 -28.22 -28.31 4.08
N LEU A 195 -29.00 -27.42 4.68
CA LEU A 195 -30.35 -27.13 4.19
C LEU A 195 -30.30 -26.50 2.81
N CYS A 196 -29.36 -25.57 2.60
CA CYS A 196 -29.25 -24.85 1.35
C CYS A 196 -28.74 -25.78 0.26
N ARG A 197 -27.82 -26.66 0.60
CA ARG A 197 -27.25 -27.56 -0.39
C ARG A 197 -28.25 -28.64 -0.80
N GLU A 198 -29.12 -29.04 0.13
CA GLU A 198 -30.13 -30.07 -0.16
C GLU A 198 -31.26 -29.48 -0.99
N LYS A 199 -31.65 -28.27 -0.64
CA LYS A 199 -32.74 -27.58 -1.31
C LYS A 199 -32.34 -27.16 -2.71
N PHE A 200 -31.15 -26.59 -2.82
CA PHE A 200 -30.70 -26.00 -4.07
C PHE A 200 -29.68 -26.76 -4.96
N SER A 201 -29.34 -28.00 -4.67
CA SER A 201 -28.45 -28.75 -5.57
C SER A 201 -28.96 -28.77 -7.03
N HIS A 202 -28.03 -28.59 -7.97
CA HIS A 202 -28.31 -28.45 -9.41
C HIS A 202 -29.21 -27.24 -9.72
N ARG A 203 -29.19 -26.26 -8.83
CA ARG A 203 -29.95 -25.02 -8.97
C ARG A 203 -28.94 -23.88 -8.88
N ILE A 204 -28.20 -23.87 -7.78
CA ILE A 204 -27.25 -22.79 -7.55
C ILE A 204 -25.97 -23.28 -6.81
N ASN A 205 -24.87 -22.56 -6.97
CA ASN A 205 -23.66 -22.83 -6.20
C ASN A 205 -23.87 -22.42 -4.76
N VAL A 206 -23.38 -23.23 -3.82
CA VAL A 206 -23.44 -22.92 -2.41
C VAL A 206 -22.03 -23.10 -1.84
N ALA A 207 -21.46 -22.02 -1.32
CA ALA A 207 -20.08 -22.04 -0.90
C ALA A 207 -19.91 -21.36 0.44
N ASN A 208 -19.21 -22.04 1.35
CA ASN A 208 -18.82 -21.42 2.59
C ASN A 208 -17.43 -20.86 2.32
N THR A 209 -17.40 -19.55 2.09
CA THR A 209 -16.25 -18.85 1.54
C THR A 209 -15.21 -18.43 2.58
N PHE A 210 -15.70 -17.92 3.71
CA PHE A 210 -14.87 -17.77 4.87
C PHE A 210 -15.73 -17.75 6.10
N GLN A 211 -15.22 -18.32 7.19
CA GLN A 211 -15.90 -18.28 8.45
C GLN A 211 -17.34 -18.79 8.29
N SER A 212 -18.31 -18.01 8.76
CA SER A 212 -19.72 -18.36 8.71
C SER A 212 -20.44 -17.76 7.49
N TYR A 213 -19.70 -17.20 6.54
CA TYR A 213 -20.32 -16.67 5.33
C TYR A 213 -20.72 -17.77 4.34
N VAL A 214 -21.98 -17.75 3.90
CA VAL A 214 -22.47 -18.67 2.87
C VAL A 214 -22.92 -17.88 1.64
N GLU A 215 -22.33 -18.18 0.49
CA GLU A 215 -22.64 -17.48 -0.75
C GLU A 215 -23.33 -18.37 -1.77
N LEU A 216 -24.39 -17.83 -2.38
CA LEU A 216 -25.14 -18.52 -3.42
C LEU A 216 -25.04 -17.73 -4.72
N PHE A 217 -24.63 -18.38 -5.80
CA PHE A 217 -24.40 -17.71 -7.09
C PHE A 217 -24.50 -18.72 -8.23
N HIS A 218 -24.56 -18.22 -9.45
CA HIS A 218 -24.93 -19.01 -10.61
C HIS A 218 -24.22 -20.37 -10.69
N GLN A 219 -25.02 -21.41 -10.88
CA GLN A 219 -24.58 -22.80 -10.75
C GLN A 219 -23.40 -23.17 -11.68
N HIS A 220 -23.41 -22.58 -12.87
CA HIS A 220 -22.44 -22.92 -13.90
C HIS A 220 -21.25 -21.96 -13.93
N THR A 221 -21.16 -21.08 -12.94
CA THR A 221 -20.09 -20.11 -12.88
C THR A 221 -19.24 -20.28 -11.62
N ASN A 222 -17.97 -19.93 -11.73
CA ASN A 222 -17.07 -19.95 -10.60
C ASN A 222 -15.84 -19.16 -10.99
N LYS A 223 -14.87 -19.01 -10.09
CA LYS A 223 -13.70 -18.19 -10.40
C LYS A 223 -12.90 -18.75 -11.58
N PHE A 224 -12.94 -20.07 -11.76
CA PHE A 224 -12.15 -20.67 -12.82
C PHE A 224 -12.70 -20.28 -14.19
N GLU A 225 -14.01 -20.09 -14.29
CA GLU A 225 -14.60 -19.61 -15.53
C GLU A 225 -14.05 -18.24 -15.85
N GLY A 226 -13.90 -17.37 -14.85
CA GLY A 226 -13.22 -16.11 -15.06
C GLY A 226 -11.77 -16.24 -15.48
N VAL A 227 -11.04 -17.16 -14.82
CA VAL A 227 -9.65 -17.42 -15.13
C VAL A 227 -9.50 -17.76 -16.62
N LYS A 228 -10.32 -18.67 -17.11
CA LYS A 228 -10.25 -19.06 -18.53
C LYS A 228 -10.48 -17.87 -19.46
N GLU A 229 -11.43 -17.02 -19.14
CA GLU A 229 -11.75 -15.89 -20.00
C GLU A 229 -10.58 -14.88 -20.04
N ILE A 230 -9.97 -14.63 -18.89
CA ILE A 230 -8.89 -13.66 -18.82
CA ILE A 230 -8.88 -13.67 -18.81
C ILE A 230 -7.63 -14.22 -19.48
N CYS A 231 -7.35 -15.51 -19.29
CA CYS A 231 -6.21 -16.12 -19.98
C CYS A 231 -6.42 -16.07 -21.49
N LYS A 232 -7.65 -16.34 -21.91
CA LYS A 232 -7.98 -16.31 -23.33
C LYS A 232 -7.71 -14.92 -23.89
N TYR A 233 -8.11 -13.90 -23.14
CA TYR A 233 -7.94 -12.52 -23.57
C TYR A 233 -6.49 -12.21 -23.96
N TYR A 234 -5.55 -12.62 -23.12
CA TYR A 234 -4.14 -12.32 -23.31
C TYR A 234 -3.39 -13.39 -24.09
N ASN A 235 -4.12 -14.35 -24.64
CA ASN A 235 -3.51 -15.45 -25.36
C ASN A 235 -2.51 -16.22 -24.48
N ILE A 236 -2.89 -16.44 -23.23
CA ILE A 236 -2.05 -17.16 -22.27
C ILE A 236 -2.62 -18.55 -22.07
N SER A 237 -1.79 -19.55 -22.35
CA SER A 237 -2.19 -20.92 -22.10
C SER A 237 -2.43 -21.09 -20.61
N LEU A 238 -3.37 -21.95 -20.22
CA LEU A 238 -3.65 -22.18 -18.80
C LEU A 238 -2.38 -22.70 -18.06
N ASN A 239 -1.49 -23.35 -18.80
CA ASN A 239 -0.29 -23.92 -18.21
C ASN A 239 0.74 -22.86 -17.81
N ASN A 240 0.55 -21.64 -18.31
CA ASN A 240 1.33 -20.47 -17.91
C ASN A 240 0.64 -19.62 -16.85
N ALA A 241 -0.48 -20.12 -16.31
CA ALA A 241 -1.21 -19.39 -15.26
C ALA A 241 -1.05 -20.11 -13.92
N LEU A 242 -1.13 -19.35 -12.84
CA LEU A 242 -1.11 -19.93 -11.51
C LEU A 242 -2.24 -19.33 -10.68
N ALA A 243 -2.91 -20.15 -9.87
CA ALA A 243 -3.98 -19.65 -9.00
C ALA A 243 -3.61 -19.88 -7.56
N MET A 244 -3.94 -18.93 -6.69
CA MET A 244 -3.77 -19.17 -5.28
C MET A 244 -5.01 -18.77 -4.51
N GLY A 245 -5.28 -19.54 -3.47
CA GLY A 245 -6.48 -19.35 -2.70
C GLY A 245 -6.50 -20.09 -1.40
N ASP A 246 -7.59 -19.86 -0.67
CA ASP A 246 -7.79 -20.31 0.70
C ASP A 246 -9.15 -21.03 0.86
N GLY A 247 -10.22 -20.43 0.34
CA GLY A 247 -11.58 -20.94 0.55
C GLY A 247 -12.25 -21.82 -0.50
N GLU A 248 -13.47 -22.26 -0.18
CA GLU A 248 -14.24 -23.17 -1.05
C GLU A 248 -14.49 -22.57 -2.42
N ASN A 249 -14.58 -21.24 -2.50
CA ASN A 249 -14.89 -20.62 -3.77
C ASN A 249 -13.62 -20.50 -4.63
N ASP A 250 -12.50 -21.01 -4.11
CA ASP A 250 -11.28 -21.15 -4.92
C ASP A 250 -11.00 -22.54 -5.48
N ILE A 251 -11.81 -23.54 -5.11
CA ILE A 251 -11.45 -24.92 -5.40
C ILE A 251 -11.39 -25.18 -6.90
N GLU A 252 -12.37 -24.68 -7.66
CA GLU A 252 -12.39 -24.93 -9.10
C GLU A 252 -11.17 -24.33 -9.79
N MET A 253 -10.69 -23.16 -9.36
CA MET A 253 -9.54 -22.58 -10.04
C MET A 253 -8.23 -23.24 -9.59
N LEU A 254 -8.18 -23.72 -8.35
CA LEU A 254 -7.00 -24.44 -7.90
C LEU A 254 -6.89 -25.81 -8.60
N SER A 255 -8.01 -26.51 -8.76
CA SER A 255 -7.96 -27.81 -9.40
C SER A 255 -7.98 -27.69 -10.92
N GLY A 256 -8.37 -26.54 -11.45
CA GLY A 256 -8.47 -26.35 -12.88
C GLY A 256 -7.13 -26.01 -13.53
N LEU A 257 -6.22 -25.42 -12.77
CA LEU A 257 -4.88 -25.07 -13.26
C LEU A 257 -3.86 -26.09 -12.78
N THR A 258 -2.89 -26.41 -13.63
CA THR A 258 -1.82 -27.32 -13.25
C THR A 258 -1.01 -26.73 -12.09
N HIS A 259 -0.80 -25.42 -12.13
CA HIS A 259 -0.04 -24.73 -11.09
C HIS A 259 -0.99 -23.97 -10.21
N SER A 260 -1.12 -24.43 -8.97
CA SER A 260 -1.97 -23.75 -8.02
C SER A 260 -1.47 -23.94 -6.60
N VAL A 261 -1.66 -22.92 -5.78
CA VAL A 261 -1.11 -22.89 -4.43
C VAL A 261 -2.23 -22.66 -3.42
N GLY A 262 -2.54 -23.67 -2.60
CA GLY A 262 -3.32 -23.45 -1.40
C GLY A 262 -2.48 -22.84 -0.30
N VAL A 263 -2.95 -21.75 0.30
CA VAL A 263 -2.21 -21.15 1.41
C VAL A 263 -2.37 -22.03 2.64
N HIS A 264 -1.39 -21.93 3.54
CA HIS A 264 -1.31 -22.85 4.66
C HIS A 264 -2.56 -22.84 5.55
N ASN A 265 -3.24 -21.70 5.61
CA ASN A 265 -4.39 -21.52 6.46
C ASN A 265 -5.67 -22.11 5.87
N ALA A 266 -5.61 -22.56 4.61
CA ALA A 266 -6.76 -23.19 3.97
C ALA A 266 -7.14 -24.51 4.62
N SER A 267 -8.39 -24.93 4.47
CA SER A 267 -8.84 -26.24 4.94
C SER A 267 -8.16 -27.35 4.15
N GLU A 268 -8.16 -28.55 4.72
CA GLU A 268 -7.65 -29.71 4.01
C GLU A 268 -8.32 -29.91 2.64
N LYS A 269 -9.63 -29.72 2.55
CA LYS A 269 -10.35 -29.86 1.28
C LYS A 269 -9.83 -28.89 0.21
N VAL A 270 -9.57 -27.66 0.61
CA VAL A 270 -9.04 -26.68 -0.32
C VAL A 270 -7.59 -27.01 -0.67
N LYS A 271 -6.79 -27.40 0.32
CA LYS A 271 -5.40 -27.79 0.05
C LYS A 271 -5.33 -28.95 -0.92
N ASN A 272 -6.23 -29.92 -0.74
CA ASN A 272 -6.29 -31.11 -1.59
C ASN A 272 -6.57 -30.77 -3.05
N SER A 273 -7.25 -29.65 -3.29
CA SER A 273 -7.63 -29.27 -4.64
C SER A 273 -6.48 -28.59 -5.38
N ALA A 274 -5.47 -28.17 -4.63
CA ALA A 274 -4.35 -27.38 -5.15
C ALA A 274 -3.13 -28.26 -5.38
N ALA A 275 -2.33 -27.88 -6.37
CA ALA A 275 -1.11 -28.61 -6.69
C ALA A 275 -0.05 -28.50 -5.59
N TYR A 276 -0.01 -27.33 -4.93
CA TYR A 276 1.05 -27.02 -3.98
C TYR A 276 0.49 -26.36 -2.75
N VAL A 277 1.20 -26.48 -1.64
CA VAL A 277 0.83 -25.77 -0.43
C VAL A 277 1.91 -24.74 -0.09
N GLY A 278 1.49 -23.49 0.07
CA GLY A 278 2.39 -22.40 0.37
C GLY A 278 2.26 -21.85 1.78
N PRO A 279 2.90 -20.70 2.02
CA PRO A 279 2.79 -19.97 3.29
C PRO A 279 1.37 -19.52 3.57
N SER A 280 1.08 -19.24 4.83
CA SER A 280 -0.19 -18.66 5.20
C SER A 280 -0.33 -17.24 4.66
N ASN A 281 -1.56 -16.75 4.62
CA ASN A 281 -1.80 -15.38 4.21
C ASN A 281 -1.13 -14.35 5.13
N ASN A 282 -0.73 -14.76 6.32
CA ASN A 282 -0.02 -13.84 7.23
C ASN A 282 1.51 -13.84 7.03
N GLU A 283 1.96 -14.79 6.24
CA GLU A 283 3.34 -14.99 5.86
C GLU A 283 3.76 -14.58 4.43
N HIS A 284 3.01 -13.69 3.78
CA HIS A 284 3.49 -13.13 2.52
C HIS A 284 3.51 -14.16 1.38
N ALA A 285 2.41 -14.89 1.28
CA ALA A 285 2.31 -15.99 0.34
C ALA A 285 2.64 -15.59 -1.11
N ILE A 286 2.10 -14.48 -1.60
CA ILE A 286 2.33 -14.20 -3.02
C ILE A 286 3.80 -13.81 -3.26
N SER A 287 4.46 -13.22 -2.28
CA SER A 287 5.87 -12.89 -2.43
CA SER A 287 5.88 -12.88 -2.43
C SER A 287 6.69 -14.16 -2.66
N HIS A 288 6.39 -15.19 -1.89
CA HIS A 288 7.13 -16.43 -2.04
C HIS A 288 6.71 -17.18 -3.31
N VAL A 289 5.45 -17.06 -3.69
CA VAL A 289 5.02 -17.64 -4.96
C VAL A 289 5.80 -16.96 -6.10
N LEU A 290 5.94 -15.64 -6.04
CA LEU A 290 6.63 -14.92 -7.10
C LEU A 290 8.09 -15.33 -7.14
N LYS A 291 8.70 -15.56 -5.97
CA LYS A 291 10.09 -16.00 -5.92
C LYS A 291 10.27 -17.38 -6.54
N THR A 292 9.40 -18.30 -6.16
CA THR A 292 9.54 -19.68 -6.59
C THR A 292 9.26 -19.89 -8.07
N PHE A 293 8.13 -19.37 -8.52
CA PHE A 293 7.68 -19.56 -9.90
C PHE A 293 8.23 -18.58 -10.93
N CYS A 294 8.33 -17.32 -10.55
CA CYS A 294 8.82 -16.28 -11.45
C CYS A 294 10.29 -15.84 -11.24
N ASP A 295 10.97 -16.45 -10.29
CA ASP A 295 12.32 -16.02 -9.91
C ASP A 295 12.27 -14.54 -9.56
N ILE A 296 11.27 -14.22 -8.73
CA ILE A 296 10.97 -12.88 -8.23
C ILE A 296 10.63 -11.95 -9.40
N ASN B 26 -7.08 38.04 3.03
CA ASN B 26 -6.76 37.21 4.18
C ASN B 26 -7.64 35.96 4.19
N ASP B 27 -6.99 34.80 4.30
CA ASP B 27 -7.67 33.52 4.38
CA ASP B 27 -7.66 33.51 4.37
C ASP B 27 -7.30 32.86 5.70
N GLU B 28 -8.19 32.03 6.25
CA GLU B 28 -7.89 31.40 7.55
C GLU B 28 -6.92 30.23 7.38
N ILE B 29 -6.03 30.05 8.34
CA ILE B 29 -5.03 28.99 8.26
C ILE B 29 -5.50 27.79 9.06
N LYS B 30 -5.84 26.72 8.35
CA LYS B 30 -6.34 25.51 8.97
C LYS B 30 -5.28 24.45 9.25
N ILE B 31 -4.08 24.62 8.69
CA ILE B 31 -3.01 23.63 8.85
C ILE B 31 -1.62 24.26 8.67
N ILE B 32 -0.66 23.73 9.41
CA ILE B 32 0.72 24.22 9.36
C ILE B 32 1.67 23.07 9.03
N PHE B 33 2.57 23.35 8.11
CA PHE B 33 3.64 22.43 7.75
C PHE B 33 4.96 23.08 8.14
N THR B 34 5.79 22.34 8.86
CA THR B 34 7.04 22.91 9.36
C THR B 34 8.21 21.96 9.17
N ALA B 35 9.33 22.52 8.78
CA ALA B 35 10.60 21.80 8.75
C ALA B 35 10.98 21.49 10.19
N LEU B 36 11.85 20.51 10.39
CA LEU B 36 12.22 20.13 11.74
C LEU B 36 13.52 20.81 12.15
N ASP B 37 14.66 20.33 11.65
CA ASP B 37 15.92 20.97 11.96
C ASP B 37 15.91 22.39 11.40
N GLY B 38 16.40 23.35 12.19
CA GLY B 38 16.54 24.72 11.73
C GLY B 38 15.27 25.54 11.81
N THR B 39 14.14 24.89 12.11
CA THR B 39 12.85 25.57 12.18
C THR B 39 12.13 25.25 13.48
N LEU B 40 11.70 24.00 13.64
CA LEU B 40 11.01 23.60 14.85
C LEU B 40 12.02 23.39 15.97
N LEU B 41 13.07 22.66 15.66
CA LEU B 41 14.17 22.48 16.60
C LEU B 41 15.02 23.74 16.71
N ASN B 42 15.42 24.10 17.94
CA ASN B 42 16.32 25.24 18.13
C ASN B 42 17.75 24.85 17.76
N SER B 43 18.72 25.74 17.99
CA SER B 43 20.11 25.47 17.61
C SER B 43 20.72 24.34 18.42
N GLU B 44 20.05 24.00 19.52
CA GLU B 44 20.45 22.88 20.38
C GLU B 44 19.73 21.58 19.98
N ASN B 45 19.01 21.63 18.86
CA ASN B 45 18.26 20.49 18.34
C ASN B 45 17.22 20.00 19.35
N LYS B 46 16.56 20.96 19.99
CA LYS B 46 15.48 20.68 20.93
C LYS B 46 14.27 21.53 20.57
N VAL B 47 13.11 21.13 21.09
CA VAL B 47 11.89 21.90 20.96
C VAL B 47 11.63 22.66 22.25
N SER B 48 11.59 23.98 22.17
CA SER B 48 11.42 24.80 23.36
C SER B 48 10.07 24.51 24.02
N GLU B 49 10.01 24.75 25.33
CA GLU B 49 8.77 24.58 26.07
C GLU B 49 7.70 25.53 25.53
N GLN B 50 8.09 26.76 25.21
CA GLN B 50 7.14 27.69 24.60
C GLN B 50 6.59 27.13 23.29
N ASN B 51 7.43 26.50 22.47
CA ASN B 51 6.92 25.85 21.27
C ASN B 51 6.01 24.67 21.60
N LEU B 52 6.38 23.87 22.60
CA LEU B 52 5.57 22.72 22.99
C LEU B 52 4.21 23.15 23.53
N GLU B 53 4.20 24.24 24.29
CA GLU B 53 2.96 24.79 24.82
C GLU B 53 2.01 25.19 23.69
N SER B 54 2.57 25.79 22.65
CA SER B 54 1.77 26.24 21.51
C SER B 54 1.22 25.05 20.72
N LEU B 55 2.06 24.03 20.54
CA LEU B 55 1.62 22.85 19.77
C LEU B 55 0.43 22.20 20.45
N ILE B 56 0.42 22.23 21.78
CA ILE B 56 -0.71 21.67 22.54
C ILE B 56 -1.98 22.48 22.29
N ARG B 57 -1.90 23.80 22.41
CA ARG B 57 -3.05 24.64 22.16
C ARG B 57 -3.56 24.45 20.73
N ALA B 58 -2.64 24.28 19.78
CA ALA B 58 -3.03 24.09 18.39
C ALA B 58 -3.88 22.86 18.20
N GLN B 59 -3.47 21.73 18.76
CA GLN B 59 -4.21 20.50 18.55
C GLN B 59 -5.55 20.55 19.27
N GLU B 60 -5.65 21.37 20.31
CA GLU B 60 -6.92 21.56 20.99
C GLU B 60 -7.91 22.31 20.11
N LYS B 61 -7.42 23.26 19.31
CA LYS B 61 -8.28 24.01 18.39
C LYS B 61 -8.38 23.32 17.03
N GLY B 62 -7.79 22.13 16.90
CA GLY B 62 -7.91 21.35 15.69
C GLY B 62 -7.05 21.85 14.55
N ILE B 63 -5.94 22.48 14.89
CA ILE B 63 -4.98 22.92 13.88
C ILE B 63 -3.84 21.92 13.84
N LYS B 64 -3.75 21.18 12.74
CA LYS B 64 -2.68 20.21 12.54
C LYS B 64 -1.37 20.91 12.27
N VAL B 65 -0.32 20.42 12.94
CA VAL B 65 1.05 20.81 12.68
C VAL B 65 1.75 19.58 12.13
N VAL B 66 2.21 19.69 10.89
CA VAL B 66 2.73 18.56 10.15
C VAL B 66 4.22 18.76 9.91
N ILE B 67 5.02 17.81 10.39
CA ILE B 67 6.46 17.83 10.12
C ILE B 67 6.68 17.58 8.64
N ALA B 68 7.56 18.37 8.04
CA ALA B 68 8.00 18.11 6.68
C ALA B 68 9.52 18.14 6.67
N THR B 69 10.14 16.99 6.45
CA THR B 69 11.55 16.82 6.75
C THR B 69 12.28 15.96 5.72
N GLY B 70 13.60 16.14 5.68
CA GLY B 70 14.48 15.31 4.86
C GLY B 70 14.83 14.04 5.60
N ARG B 71 14.56 14.03 6.90
CA ARG B 71 14.73 12.83 7.69
C ARG B 71 13.67 11.76 7.38
N SER B 72 14.02 10.51 7.66
CA SER B 72 13.04 9.43 7.69
C SER B 72 12.20 9.55 8.97
N ILE B 73 11.04 8.93 8.99
CA ILE B 73 10.21 8.98 10.20
C ILE B 73 10.98 8.42 11.39
N PHE B 74 11.85 7.45 11.11
CA PHE B 74 12.68 6.82 12.13
C PHE B 74 13.74 7.78 12.70
N SER B 75 14.36 8.58 11.83
CA SER B 75 15.36 9.54 12.27
C SER B 75 14.70 10.64 13.13
N VAL B 76 13.49 11.03 12.75
CA VAL B 76 12.75 12.04 13.50
C VAL B 76 12.52 11.53 14.92
N GLU B 77 12.02 10.31 15.04
CA GLU B 77 11.77 9.70 16.34
C GLU B 77 13.03 9.64 17.18
N ASN B 78 14.19 9.58 16.52
CA ASN B 78 15.43 9.49 17.24
C ASN B 78 15.79 10.83 17.90
N VAL B 79 15.51 11.94 17.22
CA VAL B 79 15.71 13.27 17.80
C VAL B 79 14.56 13.84 18.69
N ILE B 80 13.30 13.74 18.27
CA ILE B 80 12.15 14.19 19.09
C ILE B 80 11.36 13.10 19.84
N GLY B 81 11.88 11.88 19.90
CA GLY B 81 11.11 10.75 20.41
C GLY B 81 10.35 10.97 21.72
N GLU B 82 10.94 11.71 22.66
CA GLU B 82 10.27 12.01 23.92
C GLU B 82 8.92 12.67 23.68
N HIS B 83 8.89 13.62 22.76
CA HIS B 83 7.67 14.35 22.50
C HIS B 83 6.66 13.50 21.76
N VAL B 84 7.16 12.56 20.96
CA VAL B 84 6.27 11.64 20.27
C VAL B 84 5.63 10.67 21.27
N LYS B 85 6.46 10.07 22.13
CA LYS B 85 5.96 9.15 23.17
C LYS B 85 4.92 9.81 24.08
N LYS B 86 5.13 11.09 24.37
CA LYS B 86 4.23 11.83 25.23
C LYS B 86 3.09 12.49 24.46
N ASN B 87 3.03 12.20 23.16
CA ASN B 87 1.93 12.66 22.32
C ASN B 87 1.78 14.16 22.28
N ARG B 88 2.90 14.88 22.39
CA ARG B 88 2.90 16.32 22.16
C ARG B 88 3.22 16.70 20.70
N ILE B 89 3.78 15.76 19.95
CA ILE B 89 4.11 16.00 18.54
C ILE B 89 3.72 14.76 17.77
N SER B 90 2.88 14.97 16.77
CA SER B 90 2.36 13.89 15.94
C SER B 90 3.22 13.73 14.69
N LEU B 91 3.66 12.49 14.43
CA LEU B 91 4.38 12.15 13.22
C LEU B 91 3.48 11.75 12.05
N LEU B 92 2.22 11.43 12.37
CA LEU B 92 1.22 11.06 11.38
C LEU B 92 0.03 12.03 11.43
N PRO B 93 -0.25 12.76 10.33
CA PRO B 93 0.42 12.72 9.04
C PRO B 93 1.77 13.39 9.14
N GLY B 94 2.62 13.16 8.14
CA GLY B 94 3.93 13.74 8.14
C GLY B 94 4.59 13.50 6.79
N ILE B 95 5.55 14.36 6.48
CA ILE B 95 6.19 14.35 5.18
C ILE B 95 7.66 14.07 5.45
N TYR B 96 8.16 12.95 4.96
CA TYR B 96 9.50 12.48 5.30
C TYR B 96 10.33 12.24 4.03
N MET B 97 11.65 12.18 4.21
CA MET B 97 12.61 12.08 3.09
C MET B 97 12.28 13.03 1.97
N ASN B 98 12.07 14.28 2.35
CA ASN B 98 11.71 15.35 1.42
C ASN B 98 10.54 15.01 0.49
N GLY B 99 9.53 14.31 1.02
CA GLY B 99 8.33 14.01 0.26
C GLY B 99 8.22 12.60 -0.31
N CYS B 100 9.35 11.91 -0.44
CA CYS B 100 9.38 10.55 -0.97
C CYS B 100 8.48 9.60 -0.20
N VAL B 101 8.37 9.86 1.11
CA VAL B 101 7.46 9.10 1.96
C VAL B 101 6.61 10.08 2.71
N THR B 102 5.31 10.11 2.37
CA THR B 102 4.34 10.97 3.03
C THR B 102 3.23 10.09 3.58
N PHE B 103 3.00 10.17 4.89
CA PHE B 103 1.94 9.42 5.57
C PHE B 103 0.71 10.27 5.81
N ASP B 104 -0.47 9.69 5.64
CA ASP B 104 -1.66 10.35 6.15
C ASP B 104 -1.77 10.02 7.63
N GLU B 105 -2.86 10.49 8.23
CA GLU B 105 -3.05 10.38 9.67
C GLU B 105 -3.12 8.92 10.13
N LYS B 106 -3.50 8.03 9.23
CA LYS B 106 -3.67 6.61 9.54
C LYS B 106 -2.42 5.76 9.32
N GLY B 107 -1.37 6.35 8.75
CA GLY B 107 -0.15 5.62 8.49
C GLY B 107 -0.09 5.06 7.07
N SER B 108 -1.06 5.43 6.24
CA SER B 108 -1.00 5.02 4.85
C SER B 108 0.02 5.90 4.14
N ARG B 109 0.87 5.33 3.27
CA ARG B 109 1.85 6.18 2.62
C ARG B 109 1.24 6.64 1.33
N VAL B 110 0.78 7.89 1.36
CA VAL B 110 0.04 8.47 0.27
C VAL B 110 1.00 8.93 -0.80
N ILE B 111 2.22 9.24 -0.39
CA ILE B 111 3.34 9.26 -1.33
C ILE B 111 4.28 8.17 -0.87
N ASP B 112 4.54 7.21 -1.75
CA ASP B 112 5.54 6.23 -1.48
C ASP B 112 6.43 6.07 -2.72
N ARG B 113 7.59 6.71 -2.79
CA ARG B 113 8.26 6.64 -4.07
C ARG B 113 9.41 5.70 -3.93
N ILE B 114 9.11 4.47 -4.28
CA ILE B 114 10.04 3.39 -4.13
C ILE B 114 10.82 3.49 -5.41
N MET B 115 12.14 3.29 -5.34
CA MET B 115 12.94 3.37 -6.54
C MET B 115 12.77 2.09 -7.38
N ASN B 116 12.56 2.25 -8.68
CA ASN B 116 12.48 1.11 -9.60
C ASN B 116 13.71 0.23 -9.37
N ASN B 117 13.51 -1.07 -9.18
CA ASN B 117 14.60 -1.95 -8.76
C ASN B 117 15.70 -2.16 -9.81
N ASP B 118 15.33 -2.07 -11.09
CA ASP B 118 16.31 -2.12 -12.17
C ASP B 118 17.19 -0.87 -12.13
N LEU B 119 16.57 0.29 -11.91
CA LEU B 119 17.33 1.53 -11.75
C LEU B 119 18.24 1.45 -10.53
N LYS B 120 17.74 0.92 -9.42
CA LYS B 120 18.56 0.74 -8.22
C LYS B 120 19.82 -0.06 -8.55
N MET B 121 19.66 -1.17 -9.26
CA MET B 121 20.82 -2.00 -9.60
C MET B 121 21.72 -1.34 -10.63
N GLU B 122 21.16 -0.54 -11.53
CA GLU B 122 22.02 0.18 -12.45
C GLU B 122 22.91 1.17 -11.72
N ILE B 123 22.31 1.90 -10.77
CA ILE B 123 23.04 2.88 -9.98
C ILE B 123 24.10 2.15 -9.20
N HIS B 124 23.72 1.05 -8.56
CA HIS B 124 24.65 0.28 -7.77
C HIS B 124 25.85 -0.15 -8.60
N GLU B 125 25.60 -0.71 -9.78
CA GLU B 125 26.70 -1.21 -10.61
C GLU B 125 27.62 -0.08 -11.07
N PHE B 126 27.00 1.00 -11.50
CA PHE B 126 27.72 2.19 -11.87
C PHE B 126 28.59 2.66 -10.72
N SER B 127 28.03 2.68 -9.51
CA SER B 127 28.76 3.17 -8.36
C SER B 127 30.01 2.31 -8.07
N LYS B 128 29.95 1.01 -8.38
CA LYS B 128 31.13 0.16 -8.23
C LYS B 128 32.17 0.46 -9.30
N GLN B 129 31.72 0.63 -10.55
CA GLN B 129 32.62 0.94 -11.65
C GLN B 129 33.44 2.22 -11.44
N ILE B 130 32.81 3.27 -10.91
CA ILE B 130 33.50 4.53 -10.58
C ILE B 130 33.91 4.63 -9.10
N ASN B 131 33.82 3.52 -8.38
CA ASN B 131 34.48 3.36 -7.08
C ASN B 131 33.95 4.30 -5.99
N ILE B 132 32.66 4.62 -6.09
CA ILE B 132 31.99 5.32 -5.00
C ILE B 132 31.05 4.45 -4.14
N SER B 133 30.89 3.17 -4.46
CA SER B 133 30.02 2.30 -3.70
CA SER B 133 30.00 2.32 -3.69
C SER B 133 30.43 2.27 -2.24
N LYS B 134 31.71 2.47 -1.98
CA LYS B 134 32.21 2.46 -0.61
C LYS B 134 31.70 3.66 0.20
N TYR B 135 31.20 4.68 -0.52
CA TYR B 135 30.60 5.88 0.07
C TYR B 135 29.08 5.91 0.11
N ALA B 136 28.45 4.83 -0.34
CA ALA B 136 27.01 4.76 -0.50
C ALA B 136 26.26 4.47 0.80
N ILE B 137 25.20 5.23 1.03
CA ILE B 137 24.20 4.91 2.06
C ILE B 137 22.86 4.74 1.36
N TRP B 138 22.30 3.54 1.42
CA TRP B 138 21.03 3.24 0.79
C TRP B 138 19.91 3.34 1.83
N PHE B 139 18.84 4.04 1.46
CA PHE B 139 17.73 4.32 2.36
C PHE B 139 16.52 3.48 2.06
N CYS B 140 16.12 2.66 3.03
CA CYS B 140 14.88 1.90 2.95
C CYS B 140 13.81 2.62 3.76
N LEU B 141 12.62 2.03 3.84
CA LEU B 141 11.51 2.65 4.55
C LEU B 141 11.92 3.02 5.96
N GLU B 142 12.60 2.07 6.61
CA GLU B 142 13.00 2.20 7.99
C GLU B 142 14.53 2.25 8.13
N LYS B 143 15.19 1.15 7.75
CA LYS B 143 16.64 1.03 7.88
C LYS B 143 17.44 1.75 6.79
N THR B 144 18.70 2.05 7.10
CA THR B 144 19.66 2.47 6.09
C THR B 144 20.80 1.45 6.04
N TYR B 145 21.48 1.41 4.91
CA TYR B 145 22.48 0.40 4.65
C TYR B 145 23.73 0.97 3.96
N CYS B 146 24.89 0.43 4.33
CA CYS B 146 26.14 0.74 3.65
C CYS B 146 26.95 -0.54 3.50
N PHE B 147 27.96 -0.48 2.63
CA PHE B 147 28.84 -1.61 2.43
C PHE B 147 30.15 -1.53 3.23
N GLU B 148 30.41 -0.39 3.83
CA GLU B 148 31.66 -0.13 4.55
C GLU B 148 31.44 0.95 5.57
N ILE B 149 32.37 1.04 6.52
CA ILE B 149 32.50 2.20 7.37
C ILE B 149 33.87 2.80 7.12
N ASN B 150 33.89 4.02 6.60
CA ASN B 150 35.12 4.78 6.41
C ASN B 150 34.93 6.18 6.96
N ASP B 151 35.94 7.03 6.82
CA ASP B 151 35.84 8.37 7.39
C ASP B 151 34.71 9.22 6.79
N CYS B 152 34.48 9.14 5.49
CA CYS B 152 33.43 9.98 4.88
C CYS B 152 32.04 9.56 5.33
N ILE B 153 31.83 8.26 5.49
CA ILE B 153 30.54 7.75 5.92
C ILE B 153 30.28 8.21 7.36
N ARG B 154 31.30 8.10 8.20
CA ARG B 154 31.22 8.62 9.57
C ARG B 154 30.80 10.09 9.58
N GLU B 155 31.46 10.89 8.76
CA GLU B 155 31.15 12.32 8.68
C GLU B 155 29.66 12.56 8.42
N TYR B 156 29.04 11.76 7.56
CA TYR B 156 27.62 11.94 7.26
C TYR B 156 26.72 11.47 8.40
N MET B 157 27.04 10.32 8.99
CA MET B 157 26.18 9.72 9.99
C MET B 157 26.42 10.34 11.37
N GLU B 158 27.40 11.22 11.45
CA GLU B 158 27.68 11.93 12.69
C GLU B 158 26.74 13.13 12.83
N VAL B 159 26.19 13.62 11.72
CA VAL B 159 25.37 14.82 11.74
C VAL B 159 23.97 14.52 12.31
N GLU B 160 23.34 13.50 11.74
CA GLU B 160 22.13 12.91 12.29
C GLU B 160 22.56 11.53 12.67
N ALA B 161 22.06 10.96 13.76
CA ALA B 161 22.69 9.75 14.23
C ALA B 161 21.99 8.65 13.50
N LEU B 162 22.76 8.06 12.59
CA LEU B 162 22.26 7.07 11.67
C LEU B 162 22.96 5.77 12.02
N ASN B 163 22.27 4.67 11.80
CA ASN B 163 22.79 3.39 12.21
C ASN B 163 22.79 2.47 11.01
N PRO B 164 23.51 2.89 9.95
CA PRO B 164 23.45 2.03 8.76
C PRO B 164 24.06 0.68 9.07
N ASP B 165 23.30 -0.37 8.76
CA ASP B 165 23.80 -1.72 8.86
C ASP B 165 24.79 -1.93 7.73
N VAL B 166 25.95 -2.48 8.06
CA VAL B 166 26.91 -2.86 7.04
C VAL B 166 26.47 -4.19 6.47
N ILE B 167 26.27 -4.21 5.15
CA ILE B 167 25.81 -5.41 4.45
C ILE B 167 26.75 -5.78 3.32
N GLU B 168 26.62 -7.02 2.84
CA GLU B 168 27.37 -7.49 1.68
C GLU B 168 26.79 -6.89 0.38
N ASP B 169 27.60 -6.91 -0.67
CA ASP B 169 27.20 -6.35 -1.95
C ASP B 169 25.92 -6.96 -2.49
N ASN B 170 25.76 -8.27 -2.32
CA ASN B 170 24.67 -8.99 -2.99
C ASN B 170 23.33 -8.86 -2.27
N MET B 171 23.34 -8.16 -1.15
CA MET B 171 22.12 -7.94 -0.38
C MET B 171 21.25 -6.80 -0.95
N LEU B 172 21.86 -5.87 -1.70
CA LEU B 172 21.11 -4.74 -2.22
C LEU B 172 19.93 -5.16 -3.10
N GLU B 173 20.15 -6.16 -3.93
CA GLU B 173 19.14 -6.58 -4.88
C GLU B 173 17.80 -6.88 -4.20
N GLY B 174 17.86 -7.43 -2.99
CA GLY B 174 16.67 -7.80 -2.25
C GLY B 174 16.04 -6.67 -1.46
N LEU B 175 16.70 -5.52 -1.41
CA LEU B 175 16.17 -4.35 -0.72
C LEU B 175 15.30 -3.48 -1.61
N THR B 176 14.23 -2.98 -1.01
CA THR B 176 13.38 -2.00 -1.64
C THR B 176 13.81 -0.64 -1.09
N VAL B 177 14.28 0.23 -1.97
CA VAL B 177 14.94 1.47 -1.55
C VAL B 177 14.25 2.70 -2.10
N TYR B 178 14.30 3.79 -1.34
CA TYR B 178 13.88 5.12 -1.79
C TYR B 178 14.94 6.00 -2.48
N LYS B 179 16.14 5.98 -1.93
CA LYS B 179 17.22 6.84 -2.39
C LYS B 179 18.58 6.30 -1.98
N VAL B 180 19.62 6.84 -2.62
CA VAL B 180 20.99 6.62 -2.19
C VAL B 180 21.69 7.98 -2.02
N LEU B 181 22.52 8.05 -1.00
CA LEU B 181 23.36 9.20 -0.75
C LEU B 181 24.81 8.73 -0.75
N PHE B 182 25.66 9.39 -1.53
CA PHE B 182 27.07 9.11 -1.51
C PHE B 182 27.73 10.23 -0.75
N SER B 183 28.34 9.95 0.40
CA SER B 183 29.11 11.01 1.04
C SER B 183 30.53 10.86 0.55
N LEU B 184 30.88 11.75 -0.36
CA LEU B 184 32.11 11.63 -1.12
C LEU B 184 33.23 12.39 -0.47
N PRO B 185 34.47 11.93 -0.71
CA PRO B 185 35.61 12.83 -0.52
C PRO B 185 35.46 14.03 -1.42
N GLU B 186 35.86 15.22 -0.96
CA GLU B 186 35.79 16.41 -1.79
C GLU B 186 36.53 16.21 -3.13
N ASN B 187 37.61 15.44 -3.04
CA ASN B 187 38.52 15.12 -4.13
C ASN B 187 37.85 14.60 -5.41
N ILE B 188 36.86 13.73 -5.25
CA ILE B 188 36.14 13.15 -6.38
C ILE B 188 34.73 13.71 -6.67
N LEU B 189 34.33 14.75 -5.93
CA LEU B 189 32.96 15.28 -6.05
C LEU B 189 32.60 15.75 -7.45
N GLU B 190 33.41 16.62 -8.03
CA GLU B 190 33.11 17.20 -9.32
C GLU B 190 32.99 16.13 -10.41
N ASN B 191 33.93 15.21 -10.45
CA ASN B 191 33.90 14.14 -11.45
C ASN B 191 32.69 13.22 -11.28
N THR B 192 32.45 12.79 -10.05
CA THR B 192 31.35 11.90 -9.73
C THR B 192 30.00 12.52 -10.08
N LEU B 193 29.85 13.79 -9.73
CA LEU B 193 28.61 14.49 -9.98
C LEU B 193 28.39 14.61 -11.48
N LYS B 194 29.46 14.94 -12.21
CA LYS B 194 29.41 14.99 -13.65
C LYS B 194 28.93 13.67 -14.24
N LEU B 195 29.53 12.56 -13.83
CA LEU B 195 29.19 11.29 -14.46
C LEU B 195 27.82 10.84 -14.08
N CYS B 196 27.46 11.02 -12.81
CA CYS B 196 26.12 10.67 -12.33
CA CYS B 196 26.14 10.64 -12.37
C CYS B 196 25.03 11.40 -13.09
N ARG B 197 25.23 12.70 -13.32
CA ARG B 197 24.22 13.48 -14.03
C ARG B 197 24.14 13.09 -15.49
N GLU B 198 25.29 12.92 -16.13
CA GLU B 198 25.29 12.53 -17.54
C GLU B 198 24.59 11.19 -17.72
N LYS B 199 24.81 10.26 -16.80
CA LYS B 199 24.17 8.95 -16.89
C LYS B 199 22.69 8.93 -16.48
N PHE B 200 22.41 9.44 -15.29
CA PHE B 200 21.07 9.32 -14.72
C PHE B 200 20.12 10.52 -14.62
N SER B 201 20.55 11.75 -14.94
CA SER B 201 19.76 12.92 -14.54
C SER B 201 18.42 13.00 -15.27
N HIS B 202 18.25 12.24 -16.36
CA HIS B 202 16.95 12.20 -17.03
C HIS B 202 15.99 11.21 -16.38
N ARG B 203 16.50 10.22 -15.64
CA ARG B 203 15.67 9.26 -14.91
C ARG B 203 15.45 9.46 -13.40
N ILE B 204 16.24 10.32 -12.79
CA ILE B 204 16.19 10.57 -11.35
CA ILE B 204 16.23 10.52 -11.35
C ILE B 204 16.85 11.90 -11.04
N ASN B 205 16.59 12.43 -9.85
CA ASN B 205 17.22 13.66 -9.42
C ASN B 205 18.60 13.32 -8.90
N VAL B 206 19.60 14.03 -9.40
CA VAL B 206 20.96 13.90 -8.89
C VAL B 206 21.33 15.21 -8.23
N ALA B 207 21.40 15.23 -6.91
CA ALA B 207 21.51 16.48 -6.18
C ALA B 207 22.78 16.52 -5.34
N ASN B 208 23.55 17.60 -5.48
CA ASN B 208 24.48 17.93 -4.41
C ASN B 208 24.05 19.28 -3.84
N THR B 209 23.29 19.24 -2.74
CA THR B 209 22.84 20.48 -2.08
C THR B 209 23.86 20.98 -1.07
N PHE B 210 24.41 20.03 -0.31
CA PHE B 210 25.24 20.31 0.85
C PHE B 210 26.58 19.59 0.76
N GLN B 211 27.65 20.37 0.77
CA GLN B 211 29.01 19.83 0.80
C GLN B 211 29.22 18.86 -0.37
N SER B 212 29.87 17.74 -0.09
CA SER B 212 30.16 16.70 -1.08
CA SER B 212 30.14 16.69 -1.08
C SER B 212 29.14 15.54 -1.06
N TYR B 213 28.06 15.67 -0.30
CA TYR B 213 27.01 14.64 -0.31
C TYR B 213 26.26 14.65 -1.63
N VAL B 214 26.20 13.51 -2.30
CA VAL B 214 25.47 13.38 -3.56
C VAL B 214 24.28 12.45 -3.36
N GLU B 215 23.09 12.98 -3.65
CA GLU B 215 21.85 12.26 -3.43
C GLU B 215 21.14 11.96 -4.75
N LEU B 216 20.75 10.70 -4.90
CA LEU B 216 19.93 10.27 -6.01
C LEU B 216 18.58 9.88 -5.46
N PHE B 217 17.53 10.54 -5.95
CA PHE B 217 16.18 10.27 -5.48
C PHE B 217 15.15 10.64 -6.53
N HIS B 218 13.93 10.15 -6.35
CA HIS B 218 12.90 10.19 -7.38
C HIS B 218 12.70 11.59 -7.95
N GLN B 219 12.56 11.69 -9.26
CA GLN B 219 12.21 12.96 -9.89
C GLN B 219 10.86 13.45 -9.39
N HIS B 220 10.66 14.76 -9.37
CA HIS B 220 9.34 15.31 -9.06
C HIS B 220 8.86 14.84 -7.69
N THR B 221 9.79 14.85 -6.75
CA THR B 221 9.46 14.67 -5.35
C THR B 221 10.11 15.78 -4.55
N ASN B 222 9.31 16.39 -3.70
CA ASN B 222 9.80 17.36 -2.75
C ASN B 222 8.73 17.54 -1.67
N LYS B 223 9.02 18.37 -0.68
CA LYS B 223 8.12 18.51 0.45
C LYS B 223 6.76 19.03 0.01
N PHE B 224 6.74 19.89 -1.00
CA PHE B 224 5.50 20.50 -1.43
C PHE B 224 4.54 19.46 -2.01
N GLU B 225 5.08 18.44 -2.66
CA GLU B 225 4.23 17.32 -3.08
C GLU B 225 3.55 16.67 -1.88
N GLY B 226 4.27 16.51 -0.79
CA GLY B 226 3.66 16.02 0.43
C GLY B 226 2.59 16.97 0.98
N VAL B 227 2.89 18.27 0.94
CA VAL B 227 1.94 19.29 1.36
C VAL B 227 0.63 19.17 0.60
N LYS B 228 0.73 19.01 -0.71
CA LYS B 228 -0.46 18.89 -1.52
C LYS B 228 -1.29 17.64 -1.20
N GLU B 229 -0.66 16.49 -1.01
CA GLU B 229 -1.39 15.28 -0.65
C GLU B 229 -2.06 15.34 0.72
N ILE B 230 -1.42 15.94 1.70
CA ILE B 230 -2.01 16.01 3.03
CA ILE B 230 -1.99 16.03 3.04
C ILE B 230 -3.16 17.01 3.03
N CYS B 231 -3.02 18.09 2.28
CA CYS B 231 -4.10 19.05 2.17
C CYS B 231 -5.31 18.42 1.48
N LYS B 232 -5.07 17.64 0.44
CA LYS B 232 -6.15 16.90 -0.23
C LYS B 232 -6.83 15.92 0.73
N TYR B 233 -6.03 15.23 1.52
CA TYR B 233 -6.56 14.28 2.50
C TYR B 233 -7.61 14.94 3.38
N TYR B 234 -7.34 16.19 3.78
CA TYR B 234 -8.25 16.90 4.67
C TYR B 234 -9.21 17.81 3.93
N ASN B 235 -9.15 17.79 2.61
CA ASN B 235 -9.90 18.72 1.78
C ASN B 235 -9.70 20.15 2.25
N ILE B 236 -8.43 20.51 2.44
CA ILE B 236 -8.05 21.87 2.77
C ILE B 236 -7.45 22.48 1.51
N SER B 237 -7.99 23.61 1.08
CA SER B 237 -7.41 24.36 -0.02
C SER B 237 -6.06 24.97 0.40
N LEU B 238 -5.11 24.99 -0.52
CA LEU B 238 -3.75 25.43 -0.23
C LEU B 238 -3.69 26.84 0.38
N ASN B 239 -4.67 27.69 0.06
CA ASN B 239 -4.68 29.05 0.62
C ASN B 239 -5.02 29.04 2.10
N ASN B 240 -5.55 27.91 2.57
CA ASN B 240 -5.81 27.69 3.99
C ASN B 240 -4.65 26.95 4.69
N ALA B 241 -3.55 26.76 3.97
CA ALA B 241 -2.38 26.07 4.51
C ALA B 241 -1.21 27.05 4.64
N LEU B 242 -0.31 26.73 5.56
CA LEU B 242 0.91 27.50 5.76
C LEU B 242 2.11 26.59 5.92
N ALA B 243 3.21 26.95 5.27
CA ALA B 243 4.49 26.26 5.41
C ALA B 243 5.53 27.20 6.04
N MET B 244 6.37 26.64 6.88
CA MET B 244 7.48 27.38 7.46
C MET B 244 8.73 26.51 7.45
N GLY B 245 9.84 27.15 7.15
CA GLY B 245 11.09 26.43 6.93
C GLY B 245 12.30 27.33 6.93
N ASP B 246 13.45 26.69 6.79
CA ASP B 246 14.78 27.27 6.97
C ASP B 246 15.69 26.95 5.78
N GLY B 247 15.78 25.66 5.44
CA GLY B 247 16.67 25.18 4.40
C GLY B 247 16.17 25.17 2.97
N GLU B 248 17.07 24.79 2.07
CA GLU B 248 16.78 24.82 0.65
C GLU B 248 15.76 23.77 0.26
N ASN B 249 15.65 22.72 1.06
CA ASN B 249 14.65 21.68 0.81
C ASN B 249 13.22 22.15 1.12
N ASP B 250 13.09 23.35 1.68
CA ASP B 250 11.79 23.97 1.90
C ASP B 250 11.34 24.92 0.78
N ILE B 251 12.24 25.20 -0.15
CA ILE B 251 12.00 26.27 -1.12
C ILE B 251 10.69 26.07 -1.88
N GLU B 252 10.46 24.86 -2.37
CA GLU B 252 9.25 24.60 -3.13
C GLU B 252 7.97 24.79 -2.31
N MET B 253 7.96 24.34 -1.06
CA MET B 253 6.73 24.47 -0.29
C MET B 253 6.56 25.90 0.19
N LEU B 254 7.65 26.62 0.39
CA LEU B 254 7.53 28.03 0.75
C LEU B 254 7.00 28.85 -0.44
N SER B 255 7.48 28.55 -1.64
CA SER B 255 6.99 29.20 -2.86
C SER B 255 5.55 28.86 -3.16
N GLY B 256 5.26 27.55 -3.15
CA GLY B 256 4.02 27.00 -3.64
C GLY B 256 2.79 27.39 -2.85
N LEU B 257 2.99 27.91 -1.64
CA LEU B 257 1.88 28.37 -0.84
C LEU B 257 1.83 29.89 -0.83
N THR B 258 0.61 30.40 -0.80
CA THR B 258 0.40 31.83 -0.63
C THR B 258 0.98 32.28 0.70
N HIS B 259 0.71 31.52 1.76
CA HIS B 259 1.19 31.85 3.10
C HIS B 259 2.33 30.92 3.48
N SER B 260 3.52 31.48 3.58
CA SER B 260 4.66 30.71 4.04
C SER B 260 5.61 31.62 4.82
N VAL B 261 6.26 31.04 5.82
CA VAL B 261 7.17 31.78 6.72
C VAL B 261 8.59 31.23 6.66
N GLY B 262 9.52 32.03 6.14
CA GLY B 262 10.93 31.81 6.36
C GLY B 262 11.33 32.25 7.77
N VAL B 263 12.05 31.40 8.50
CA VAL B 263 12.53 31.78 9.82
C VAL B 263 13.80 32.64 9.67
N HIS B 264 14.04 33.50 10.65
CA HIS B 264 15.12 34.49 10.54
C HIS B 264 16.48 33.86 10.26
N ASN B 265 16.76 32.72 10.88
CA ASN B 265 18.06 32.05 10.75
C ASN B 265 18.28 31.45 9.37
N ALA B 266 17.25 31.49 8.55
CA ALA B 266 17.31 30.92 7.20
C ALA B 266 18.19 31.76 6.26
N SER B 267 18.81 31.09 5.29
CA SER B 267 19.70 31.75 4.34
C SER B 267 18.94 32.73 3.48
N GLU B 268 19.68 33.63 2.86
CA GLU B 268 19.11 34.67 2.02
C GLU B 268 18.20 34.09 0.94
N LYS B 269 18.71 33.06 0.27
CA LYS B 269 18.00 32.39 -0.82
C LYS B 269 16.66 31.84 -0.33
N VAL B 270 16.72 31.01 0.71
CA VAL B 270 15.52 30.38 1.25
C VAL B 270 14.50 31.42 1.64
N LYS B 271 14.93 32.40 2.42
CA LYS B 271 14.01 33.42 2.93
C LYS B 271 13.27 34.12 1.81
N ASN B 272 13.91 34.16 0.65
CA ASN B 272 13.37 34.82 -0.53
C ASN B 272 12.07 34.19 -1.02
N SER B 273 12.03 32.86 -1.01
CA SER B 273 10.91 32.09 -1.54
C SER B 273 9.65 32.17 -0.68
N ALA B 274 9.82 32.53 0.59
CA ALA B 274 8.71 32.66 1.51
C ALA B 274 7.96 33.98 1.34
N ALA B 275 6.67 33.98 1.67
CA ALA B 275 5.84 35.18 1.61
C ALA B 275 6.06 36.08 2.84
N TYR B 276 6.39 35.46 3.97
CA TYR B 276 6.60 36.19 5.22
C TYR B 276 7.93 35.78 5.87
N VAL B 277 8.50 36.71 6.63
CA VAL B 277 9.68 36.40 7.44
C VAL B 277 9.26 36.47 8.90
N GLY B 278 9.92 35.68 9.74
CA GLY B 278 9.50 35.53 11.12
C GLY B 278 10.68 35.22 12.01
N PRO B 279 10.42 34.99 13.30
CA PRO B 279 11.46 34.74 14.29
C PRO B 279 12.33 33.55 13.92
N SER B 280 13.54 33.49 14.46
CA SER B 280 14.42 32.35 14.18
C SER B 280 13.95 31.12 14.95
N ASN B 281 14.64 30.00 14.76
CA ASN B 281 14.28 28.77 15.44
C ASN B 281 14.62 28.80 16.92
N ASN B 282 15.49 29.73 17.32
CA ASN B 282 15.80 29.92 18.73
C ASN B 282 14.82 30.88 19.40
N GLU B 283 13.93 31.44 18.58
CA GLU B 283 12.90 32.39 19.00
C GLU B 283 11.48 31.80 19.19
N HIS B 284 11.37 30.47 19.20
CA HIS B 284 10.06 29.81 19.34
C HIS B 284 9.17 30.12 18.15
N ALA B 285 9.72 29.91 16.95
CA ALA B 285 9.07 30.29 15.71
C ALA B 285 7.62 29.78 15.54
N ILE B 286 7.34 28.51 15.82
CA ILE B 286 5.99 28.02 15.56
C ILE B 286 5.00 28.61 16.56
N SER B 287 5.47 28.95 17.76
CA SER B 287 4.63 29.67 18.72
C SER B 287 4.09 30.97 18.12
N HIS B 288 4.99 31.75 17.53
CA HIS B 288 4.62 33.05 16.99
C HIS B 288 3.71 32.88 15.79
N VAL B 289 4.06 31.95 14.91
CA VAL B 289 3.23 31.62 13.76
C VAL B 289 1.81 31.23 14.21
N LEU B 290 1.70 30.36 15.21
CA LEU B 290 0.37 29.92 15.66
C LEU B 290 -0.40 31.07 16.27
N LYS B 291 0.31 31.93 16.99
CA LYS B 291 -0.31 33.10 17.59
C LYS B 291 -0.95 33.97 16.51
N THR B 292 -0.12 34.38 15.56
CA THR B 292 -0.53 35.28 14.50
C THR B 292 -1.63 34.71 13.59
N PHE B 293 -1.38 33.55 12.99
CA PHE B 293 -2.28 33.04 11.97
C PHE B 293 -3.46 32.24 12.51
N CYS B 294 -3.38 31.81 13.77
CA CYS B 294 -4.37 30.89 14.33
C CYS B 294 -4.94 31.31 15.68
N ASP B 295 -4.09 31.33 16.71
CA ASP B 295 -4.52 31.62 18.07
C ASP B 295 -4.69 33.11 18.28
MG MG C . -10.60 -16.18 0.63
C1 G6P D . -16.50 -13.46 2.81
C2 G6P D . -16.25 -12.06 3.36
C3 G6P D . -15.64 -11.15 2.31
C4 G6P D . -14.44 -11.83 1.63
C5 G6P D . -14.80 -13.24 1.18
C6 G6P D . -13.59 -13.94 0.57
O1 G6P D . -17.47 -13.40 1.77
O2 G6P D . -17.49 -11.50 3.81
O3 G6P D . -15.21 -9.93 2.92
O4 G6P D . -14.03 -11.05 0.50
O5 G6P D . -15.28 -13.99 2.30
O6 G6P D . -13.13 -13.21 -0.56
P G6P D . -12.18 -13.91 -1.65
O1P G6P D . -11.29 -14.82 -0.84
O2P G6P D . -11.47 -12.76 -2.31
O3P G6P D . -13.15 -14.65 -2.55
H1 G6P D . -16.87 -14.10 3.62
H2 G6P D . -15.56 -12.13 4.21
H3 G6P D . -16.40 -10.94 1.55
H4 G6P D . -13.62 -11.89 2.36
H5 G6P D . -15.59 -13.17 0.42
H61 G6P D . -13.86 -14.95 0.28
H62 G6P D . -12.80 -14.01 1.31
HO1 G6P D . -17.63 -14.29 1.42
HO2 G6P D . -17.88 -12.08 4.48
HO3 G6P D . -15.97 -9.50 3.34
HO4 G6P D . -13.81 -10.15 0.79
MG MG E . 15.74 22.59 8.04
P PO4 F . 14.78 19.16 7.92
O1 PO4 F . 14.37 18.98 6.47
O2 PO4 F . 15.83 18.12 8.25
O3 PO4 F . 13.60 18.95 8.84
O4 PO4 F . 15.30 20.56 8.12
#